data_4Y0B
#
_entry.id   4Y0B
#
_cell.length_a   30.400
_cell.length_b   109.200
_cell.length_c   120.500
_cell.angle_alpha   90.00
_cell.angle_beta   90.00
_cell.angle_gamma   90.00
#
_symmetry.space_group_name_H-M   'P 21 21 21'
#
loop_
_entity.id
_entity.type
_entity.pdbx_description
1 polymer 'Double Clp-N motif protein'
2 non-polymer 'CHLORIDE ION'
3 water water
#
_entity_poly.entity_id   1
_entity_poly.type   'polypeptide(L)'
_entity_poly.pdbx_seq_one_letter_code
;(MSE)ASTVLNVPIAQPENGSSDKIPKWSARAIKSLA(MSE)GELEARKLKYPSTGTEAIL(MSE)GILVEGTSTVAKFL
RGNGVTLFKVRDETLSLLGKSD(MSE)YFFSPEHPPLTEPAQKAIAWAIDEKNKSDVDGELTTAYLLLGVWSQKDSAGRQ
ILEKLGFNEDKAKEVEKS(MSE)NEDVDLSFKKQGQLEHHHHHH
;
_entity_poly.pdbx_strand_id   A,B
#
loop_
_chem_comp.id
_chem_comp.type
_chem_comp.name
_chem_comp.formula
CL non-polymer 'CHLORIDE ION' 'Cl -1'
#
# COMPACT_ATOMS: atom_id res chain seq x y z
N PRO A 22 31.27 -12.90 0.02
CA PRO A 22 30.12 -13.80 0.05
C PRO A 22 29.49 -13.90 1.44
N LYS A 23 29.33 -12.76 2.11
CA LYS A 23 28.73 -12.75 3.44
C LYS A 23 27.31 -12.14 3.38
N TRP A 24 26.32 -13.02 3.37
CA TRP A 24 24.91 -12.62 3.20
C TRP A 24 24.29 -12.08 4.48
N SER A 25 23.55 -10.99 4.35
CA SER A 25 22.86 -10.42 5.50
C SER A 25 21.74 -11.36 5.90
N ALA A 26 21.24 -11.19 7.13
CA ALA A 26 20.22 -12.09 7.61
C ALA A 26 18.93 -11.85 6.85
N ARG A 27 18.62 -10.61 6.57
CA ARG A 27 17.41 -10.35 5.80
C ARG A 27 17.52 -10.87 4.35
N ALA A 28 18.73 -10.92 3.78
CA ALA A 28 18.86 -11.45 2.40
C ALA A 28 18.55 -12.95 2.38
N ILE A 29 19.13 -13.64 3.38
CA ILE A 29 18.89 -15.06 3.55
C ILE A 29 17.40 -15.40 3.79
N LYS A 30 16.75 -14.68 4.70
CA LYS A 30 15.32 -14.89 4.90
C LYS A 30 14.56 -14.68 3.59
N SER A 31 14.84 -13.57 2.89
CA SER A 31 14.22 -13.33 1.59
C SER A 31 14.26 -14.49 0.61
N LEU A 32 15.46 -14.99 0.29
CA LEU A 32 15.59 -16.14 -0.63
C LEU A 32 14.76 -17.31 -0.13
N ALA A 33 14.86 -17.60 1.17
CA ALA A 33 14.10 -18.70 1.75
C ALA A 33 12.61 -18.47 1.55
N MSE A 34 12.15 -17.25 1.85
CA MSE A 34 10.75 -16.90 1.63
C MSE A 34 10.41 -17.02 0.09
O MSE A 34 9.34 -17.50 -0.29
CB MSE A 34 10.52 -15.47 2.13
CG MSE A 34 10.42 -15.28 3.69
SE MSE A 34 9.92 -16.90 4.67
CE MSE A 34 8.01 -16.68 4.93
N GLY A 35 11.32 -16.63 -0.79
CA GLY A 35 11.05 -16.73 -2.23
C GLY A 35 10.84 -18.16 -2.67
N GLU A 36 11.77 -19.04 -2.27
CA GLU A 36 11.66 -20.45 -2.64
C GLU A 36 10.40 -21.09 -2.02
N LEU A 37 10.04 -20.67 -0.82
CA LEU A 37 8.86 -21.24 -0.20
C LEU A 37 7.64 -20.71 -0.93
N GLU A 38 7.68 -19.46 -1.34
CA GLU A 38 6.56 -18.88 -2.08
C GLU A 38 6.36 -19.65 -3.40
N ALA A 39 7.46 -19.99 -4.08
CA ALA A 39 7.39 -20.80 -5.31
C ALA A 39 6.70 -22.16 -5.08
N ARG A 40 6.98 -22.81 -3.94
CA ARG A 40 6.31 -24.09 -3.63
C ARG A 40 4.85 -23.85 -3.28
N LYS A 41 4.55 -22.77 -2.55
CA LYS A 41 3.17 -22.54 -2.10
C LYS A 41 2.28 -22.38 -3.28
N LEU A 42 2.79 -21.63 -4.26
CA LEU A 42 2.06 -21.28 -5.47
C LEU A 42 2.17 -22.31 -6.59
N LYS A 43 2.84 -23.43 -6.33
CA LYS A 43 2.87 -24.53 -7.29
C LYS A 43 3.60 -24.18 -8.61
N TYR A 44 4.63 -23.34 -8.53
CA TYR A 44 5.41 -22.96 -9.73
C TYR A 44 6.42 -24.04 -10.10
N PRO A 45 6.64 -24.22 -11.42
CA PRO A 45 7.56 -25.27 -11.88
C PRO A 45 9.00 -24.89 -11.61
N SER A 46 9.27 -23.62 -11.30
CA SER A 46 10.64 -23.25 -11.00
C SER A 46 10.62 -22.08 -10.02
N THR A 47 11.79 -21.69 -9.51
CA THR A 47 11.87 -20.53 -8.60
C THR A 47 12.56 -19.38 -9.36
N GLY A 48 11.83 -18.32 -9.68
CA GLY A 48 12.39 -17.32 -10.56
C GLY A 48 12.63 -15.96 -9.96
N THR A 49 12.99 -14.99 -10.80
CA THR A 49 13.23 -13.67 -10.28
C THR A 49 11.99 -13.12 -9.55
N GLU A 50 10.80 -13.57 -9.97
CA GLU A 50 9.60 -13.06 -9.32
C GLU A 50 9.53 -13.54 -7.88
N ALA A 51 10.04 -14.75 -7.60
CA ALA A 51 10.07 -15.28 -6.24
C ALA A 51 11.08 -14.54 -5.39
N ILE A 52 12.21 -14.19 -5.97
CA ILE A 52 13.19 -13.42 -5.22
C ILE A 52 12.56 -12.13 -4.76
N LEU A 53 11.93 -11.46 -5.70
CA LEU A 53 11.24 -10.19 -5.42
C LEU A 53 10.16 -10.36 -4.35
N MSE A 54 9.30 -11.37 -4.51
CA MSE A 54 8.31 -11.67 -3.48
C MSE A 54 8.98 -12.02 -2.15
O MSE A 54 8.44 -11.70 -1.09
CB MSE A 54 7.43 -12.85 -3.89
CG MSE A 54 6.58 -12.62 -5.15
SE MSE A 54 5.28 -14.07 -5.42
CE MSE A 54 4.71 -13.69 -7.22
N GLY A 55 10.15 -12.66 -2.20
CA GLY A 55 10.82 -13.06 -0.98
C GLY A 55 11.19 -11.87 -0.14
N ILE A 56 11.72 -10.86 -0.83
CA ILE A 56 12.07 -9.60 -0.18
C ILE A 56 10.85 -8.95 0.51
N LEU A 57 9.69 -8.99 -0.14
CA LEU A 57 8.49 -8.33 0.38
C LEU A 57 7.81 -9.14 1.48
N VAL A 58 7.94 -10.46 1.41
CA VAL A 58 7.45 -11.35 2.47
C VAL A 58 8.29 -11.10 3.70
N GLU A 59 9.61 -11.00 3.51
CA GLU A 59 10.50 -10.69 4.62
C GLU A 59 10.09 -9.37 5.27
N GLY A 60 10.13 -8.32 4.44
CA GLY A 60 9.46 -7.06 4.69
C GLY A 60 9.99 -6.05 5.70
N THR A 61 11.21 -6.25 6.23
CA THR A 61 11.73 -5.31 7.26
C THR A 61 12.98 -4.56 6.85
N SER A 62 13.52 -4.94 5.68
CA SER A 62 14.74 -4.31 5.17
C SER A 62 14.44 -2.88 4.70
N THR A 63 15.50 -2.08 4.52
CA THR A 63 15.35 -0.74 3.96
C THR A 63 14.68 -0.79 2.59
N VAL A 64 15.18 -1.64 1.70
CA VAL A 64 14.64 -1.70 0.36
C VAL A 64 13.18 -2.18 0.32
N ALA A 65 12.79 -3.11 1.19
CA ALA A 65 11.40 -3.57 1.22
C ALA A 65 10.43 -2.42 1.57
N LYS A 66 10.79 -1.61 2.56
CA LYS A 66 9.98 -0.46 2.92
C LYS A 66 9.94 0.52 1.76
N PHE A 67 11.08 0.71 1.12
CA PHE A 67 11.18 1.57 -0.05
C PHE A 67 10.24 1.15 -1.17
N LEU A 68 10.22 -0.14 -1.47
CA LEU A 68 9.36 -0.66 -2.52
C LEU A 68 7.91 -0.41 -2.09
N ARG A 69 7.56 -0.89 -0.91
CA ARG A 69 6.21 -0.78 -0.34
C ARG A 69 5.69 0.68 -0.34
N GLY A 70 6.62 1.63 -0.27
CA GLY A 70 6.27 3.03 -0.31
C GLY A 70 6.03 3.51 -1.73
N ASN A 71 6.68 2.87 -2.69
CA ASN A 71 6.55 3.28 -4.09
C ASN A 71 5.63 2.35 -4.86
N GLY A 72 4.55 1.91 -4.21
CA GLY A 72 3.56 1.08 -4.88
C GLY A 72 4.08 -0.23 -5.42
N VAL A 73 4.81 -0.98 -4.59
CA VAL A 73 5.25 -2.31 -4.94
C VAL A 73 5.06 -3.16 -3.72
N THR A 74 3.98 -3.92 -3.70
CA THR A 74 3.62 -4.68 -2.52
C THR A 74 3.37 -6.10 -2.93
N LEU A 75 3.39 -6.98 -1.94
CA LEU A 75 3.22 -8.41 -2.17
C LEU A 75 1.95 -8.67 -2.97
N PHE A 76 0.85 -8.05 -2.58
CA PHE A 76 -0.43 -8.25 -3.23
C PHE A 76 -0.37 -7.90 -4.70
N LYS A 77 0.23 -6.74 -5.00
CA LYS A 77 0.35 -6.29 -6.37
C LYS A 77 1.38 -7.15 -7.12
N VAL A 78 2.44 -7.55 -6.45
CA VAL A 78 3.40 -8.40 -7.13
C VAL A 78 2.76 -9.76 -7.41
N ARG A 79 2.07 -10.33 -6.41
CA ARG A 79 1.40 -11.62 -6.61
C ARG A 79 0.43 -11.55 -7.77
N ASP A 80 -0.28 -10.44 -7.84
CA ASP A 80 -1.25 -10.18 -8.89
C ASP A 80 -0.52 -10.07 -10.22
N GLU A 81 0.42 -9.13 -10.33
CA GLU A 81 1.13 -8.94 -11.59
C GLU A 81 1.75 -10.26 -12.08
N THR A 82 2.06 -11.16 -11.15
CA THR A 82 2.62 -12.45 -11.54
C THR A 82 1.66 -13.37 -12.28
N LEU A 83 0.44 -13.52 -11.77
CA LEU A 83 -0.59 -14.29 -12.47
C LEU A 83 -0.80 -13.76 -13.90
N SER A 84 -0.80 -12.44 -14.05
CA SER A 84 -0.95 -11.77 -15.35
C SER A 84 0.16 -12.16 -16.36
N LEU A 85 1.15 -12.89 -15.88
CA LEU A 85 2.27 -13.32 -16.71
C LEU A 85 2.23 -14.84 -16.88
N LEU A 86 2.12 -15.53 -15.76
CA LEU A 86 2.22 -16.98 -15.73
C LEU A 86 0.81 -17.60 -15.73
N MSE A 91 -2.75 -23.48 -16.64
CA MSE A 91 -2.53 -24.01 -15.30
C MSE A 91 -1.16 -24.70 -15.18
O MSE A 91 -0.49 -24.97 -16.18
CB MSE A 91 -3.64 -24.98 -14.91
N TYR A 92 -0.78 -24.98 -13.93
CA TYR A 92 0.52 -25.54 -13.60
C TYR A 92 0.32 -26.68 -12.59
N PHE A 93 0.31 -27.93 -13.07
CA PHE A 93 -0.09 -29.08 -12.26
C PHE A 93 0.97 -30.18 -12.33
N PHE A 94 2.16 -29.79 -12.76
CA PHE A 94 3.26 -30.73 -12.90
C PHE A 94 4.50 -30.17 -12.23
N SER A 95 4.37 -29.16 -11.37
CA SER A 95 5.55 -28.58 -10.74
C SER A 95 6.24 -29.56 -9.77
N PRO A 96 7.57 -29.55 -9.79
CA PRO A 96 8.27 -30.48 -8.90
C PRO A 96 8.20 -30.05 -7.43
N GLU A 97 8.50 -31.00 -6.55
CA GLU A 97 8.50 -30.75 -5.11
C GLU A 97 9.47 -29.63 -4.79
N HIS A 98 10.61 -29.63 -5.48
CA HIS A 98 11.59 -28.59 -5.30
C HIS A 98 11.85 -27.81 -6.59
N PRO A 99 11.12 -26.69 -6.78
CA PRO A 99 11.23 -25.82 -7.95
C PRO A 99 12.61 -25.25 -8.01
N PRO A 100 13.41 -25.69 -9.00
CA PRO A 100 14.79 -25.20 -9.12
C PRO A 100 14.87 -23.74 -9.55
N LEU A 101 15.96 -23.04 -9.22
CA LEU A 101 16.16 -21.66 -9.64
C LEU A 101 16.23 -21.60 -11.14
N THR A 102 15.66 -20.56 -11.73
CA THR A 102 15.82 -20.34 -13.15
C THR A 102 17.19 -19.73 -13.40
N GLU A 103 17.64 -19.80 -14.66
CA GLU A 103 18.87 -19.15 -15.04
C GLU A 103 18.87 -17.64 -14.73
N PRO A 104 17.76 -16.93 -15.02
CA PRO A 104 17.78 -15.51 -14.59
C PRO A 104 17.88 -15.31 -13.07
N ALA A 105 17.23 -16.18 -12.30
CA ALA A 105 17.35 -16.10 -10.86
C ALA A 105 18.82 -16.26 -10.50
N GLN A 106 19.45 -17.29 -11.09
CA GLN A 106 20.89 -17.53 -10.88
C GLN A 106 21.74 -16.34 -11.30
N LYS A 107 21.36 -15.70 -12.39
CA LYS A 107 22.13 -14.57 -12.88
C LYS A 107 21.97 -13.37 -11.92
N ALA A 108 20.79 -13.24 -11.32
CA ALA A 108 20.52 -12.12 -10.40
C ALA A 108 21.32 -12.27 -9.09
N ILE A 109 21.51 -13.51 -8.64
CA ILE A 109 22.25 -13.73 -7.41
C ILE A 109 23.74 -13.53 -7.68
N ALA A 110 24.22 -14.07 -8.82
CA ALA A 110 25.61 -13.86 -9.25
C ALA A 110 25.92 -12.37 -9.36
N TRP A 111 24.95 -11.59 -9.84
CA TRP A 111 25.14 -10.14 -10.00
C TRP A 111 25.31 -9.49 -8.63
N ALA A 112 24.50 -9.94 -7.66
CA ALA A 112 24.60 -9.37 -6.32
C ALA A 112 25.97 -9.68 -5.74
N ILE A 113 26.48 -10.90 -5.95
CA ILE A 113 27.84 -11.21 -5.48
C ILE A 113 28.85 -10.28 -6.14
N ASP A 114 28.79 -10.21 -7.47
CA ASP A 114 29.82 -9.48 -8.23
C ASP A 114 29.89 -7.99 -7.87
N GLU A 115 28.72 -7.38 -7.71
CA GLU A 115 28.66 -5.96 -7.38
C GLU A 115 29.28 -5.67 -6.00
N LYS A 116 29.02 -6.56 -5.04
CA LYS A 116 29.56 -6.39 -3.70
C LYS A 116 31.07 -6.64 -3.63
N ASN A 117 31.56 -7.62 -4.38
CA ASN A 117 33.01 -7.92 -4.43
C ASN A 117 33.89 -6.85 -5.10
N LYS A 118 33.26 -5.84 -5.68
CA LYS A 118 34.00 -4.75 -6.32
C LYS A 118 33.60 -3.40 -5.76
N SER A 119 32.72 -3.41 -4.75
CA SER A 119 32.20 -2.19 -4.16
C SER A 119 33.25 -1.30 -3.52
N ASP A 120 34.50 -1.78 -3.48
CA ASP A 120 35.63 -1.03 -2.94
C ASP A 120 35.27 -0.47 -1.55
N VAL A 121 34.53 -1.28 -0.80
CA VAL A 121 34.15 -0.97 0.58
C VAL A 121 33.82 -2.31 1.26
N ASP A 122 33.84 -2.32 2.60
CA ASP A 122 33.48 -3.49 3.38
C ASP A 122 31.98 -3.45 3.62
N GLY A 123 31.38 -4.63 3.80
CA GLY A 123 29.97 -4.71 4.11
C GLY A 123 29.39 -6.07 3.75
N GLU A 124 28.23 -6.38 4.31
CA GLU A 124 27.51 -7.60 3.94
C GLU A 124 26.68 -7.30 2.70
N LEU A 125 26.28 -8.33 1.96
CA LEU A 125 25.39 -8.07 0.85
C LEU A 125 23.91 -8.14 1.27
N THR A 126 23.28 -6.97 1.27
CA THR A 126 21.94 -6.76 1.81
C THR A 126 20.87 -7.10 0.79
N THR A 127 19.60 -6.86 1.15
CA THR A 127 18.52 -7.19 0.23
C THR A 127 18.52 -6.22 -0.96
N ALA A 128 19.15 -5.06 -0.80
CA ALA A 128 19.19 -4.10 -1.88
C ALA A 128 20.00 -4.65 -3.06
N TYR A 129 21.11 -5.33 -2.77
CA TYR A 129 21.92 -5.96 -3.82
C TYR A 129 21.10 -7.02 -4.51
N LEU A 130 20.24 -7.68 -3.74
CA LEU A 130 19.44 -8.74 -4.31
C LEU A 130 18.40 -8.09 -5.24
N LEU A 131 17.92 -6.90 -4.87
CA LEU A 131 16.89 -6.26 -5.67
C LEU A 131 17.49 -5.71 -6.96
N LEU A 132 18.64 -5.04 -6.84
CA LEU A 132 19.36 -4.57 -8.02
C LEU A 132 19.81 -5.75 -8.90
N GLY A 133 19.94 -6.94 -8.31
CA GLY A 133 20.31 -8.12 -9.06
C GLY A 133 19.19 -8.54 -9.97
N VAL A 134 17.96 -8.51 -9.43
CA VAL A 134 16.81 -8.85 -10.24
C VAL A 134 16.65 -7.77 -11.33
N TRP A 135 16.86 -6.52 -10.92
CA TRP A 135 16.70 -5.40 -11.81
C TRP A 135 17.76 -5.42 -12.89
N SER A 136 18.92 -6.02 -12.64
CA SER A 136 19.96 -6.06 -13.68
C SER A 136 19.62 -7.08 -14.77
N GLN A 137 18.65 -7.96 -14.51
CA GLN A 137 18.29 -9.00 -15.49
C GLN A 137 17.12 -8.55 -16.34
N LYS A 138 17.43 -7.97 -17.49
CA LYS A 138 16.42 -7.28 -18.29
C LYS A 138 15.35 -8.15 -18.94
N ASP A 139 15.61 -9.46 -19.09
CA ASP A 139 14.60 -10.37 -19.65
C ASP A 139 13.76 -11.02 -18.51
N SER A 140 14.09 -10.70 -17.27
CA SER A 140 13.52 -11.46 -16.16
C SER A 140 12.10 -11.01 -15.82
N ALA A 141 11.34 -11.93 -15.23
CA ALA A 141 9.97 -11.61 -14.86
C ALA A 141 9.99 -10.56 -13.76
N GLY A 142 11.03 -10.60 -12.92
CA GLY A 142 11.18 -9.62 -11.86
C GLY A 142 11.39 -8.22 -12.42
N ARG A 143 12.28 -8.08 -13.40
CA ARG A 143 12.45 -6.79 -14.08
C ARG A 143 11.10 -6.24 -14.54
N GLN A 144 10.34 -7.08 -15.24
CA GLN A 144 9.08 -6.64 -15.84
C GLN A 144 8.08 -6.18 -14.78
N ILE A 145 7.71 -7.09 -13.89
CA ILE A 145 6.84 -6.75 -12.76
C ILE A 145 7.20 -5.45 -12.02
N LEU A 146 8.49 -5.26 -11.77
CA LEU A 146 8.94 -4.03 -11.13
C LEU A 146 8.53 -2.82 -11.98
N GLU A 147 8.87 -2.83 -13.27
CA GLU A 147 8.48 -1.71 -14.16
C GLU A 147 6.98 -1.48 -14.24
N LYS A 148 6.25 -2.59 -14.32
CA LYS A 148 4.80 -2.58 -14.44
C LYS A 148 4.16 -1.92 -13.22
N LEU A 149 4.89 -1.86 -12.11
CA LEU A 149 4.38 -1.29 -10.88
C LEU A 149 4.86 0.14 -10.61
N GLY A 150 5.78 0.62 -11.43
CA GLY A 150 6.25 1.99 -11.36
C GLY A 150 7.72 2.12 -10.95
N PHE A 151 8.47 1.03 -11.01
CA PHE A 151 9.89 1.10 -10.68
C PHE A 151 10.69 1.49 -11.92
N ASN A 152 11.63 2.43 -11.75
CA ASN A 152 12.41 2.91 -12.87
C ASN A 152 13.87 3.15 -12.52
N GLU A 153 14.65 3.53 -13.52
CA GLU A 153 16.09 3.65 -13.35
C GLU A 153 16.49 4.68 -12.29
N ASP A 154 15.68 5.72 -12.13
CA ASP A 154 15.92 6.72 -11.11
C ASP A 154 15.76 6.11 -9.72
N LYS A 155 14.76 5.24 -9.58
CA LYS A 155 14.49 4.62 -8.31
C LYS A 155 15.56 3.58 -8.00
N ALA A 156 16.18 3.02 -9.03
CA ALA A 156 17.21 2.01 -8.81
C ALA A 156 18.50 2.68 -8.36
N LYS A 157 18.74 3.91 -8.82
CA LYS A 157 19.94 4.63 -8.43
C LYS A 157 19.67 5.14 -7.02
N GLU A 158 18.38 5.28 -6.69
CA GLU A 158 17.97 5.76 -5.38
C GLU A 158 18.21 4.68 -4.33
N VAL A 159 17.92 3.43 -4.70
CA VAL A 159 18.15 2.26 -3.85
C VAL A 159 19.64 2.03 -3.73
N GLU A 160 20.35 2.23 -4.85
CA GLU A 160 21.80 2.04 -4.89
C GLU A 160 22.51 3.09 -4.02
N LYS A 161 21.81 4.18 -3.77
CA LYS A 161 22.31 5.26 -2.93
C LYS A 161 22.05 4.90 -1.46
N SER A 162 20.93 4.22 -1.23
CA SER A 162 20.53 3.77 0.09
C SER A 162 21.47 2.68 0.59
N MSE A 163 21.85 1.77 -0.31
CA MSE A 163 22.78 0.69 0.01
C MSE A 163 24.21 1.18 0.38
O MSE A 163 25.01 0.41 0.93
CB MSE A 163 22.77 -0.35 -1.11
CG MSE A 163 24.10 -0.71 -1.73
SE MSE A 163 24.01 -1.03 -3.68
CE MSE A 163 22.76 -2.50 -3.74
N ASN A 164 24.49 2.47 0.14
CA ASN A 164 25.78 3.09 0.45
C ASN A 164 25.58 4.15 1.56
N GLU A 165 24.30 4.36 1.89
CA GLU A 165 23.71 5.33 2.85
C GLU A 165 23.30 6.63 2.14
N PRO B 22 -9.64 -7.66 10.88
CA PRO B 22 -10.68 -6.62 10.92
C PRO B 22 -10.49 -5.64 12.07
N LYS B 23 -9.27 -5.17 12.32
CA LYS B 23 -9.00 -4.35 13.52
C LYS B 23 -8.86 -2.82 13.36
N TRP B 24 -9.91 -2.11 13.78
CA TRP B 24 -10.04 -0.66 13.67
C TRP B 24 -9.27 0.15 14.74
N SER B 25 -8.65 1.24 14.31
CA SER B 25 -7.94 2.13 15.22
C SER B 25 -8.94 2.87 16.10
N ALA B 26 -8.48 3.45 17.19
CA ALA B 26 -9.43 4.10 18.10
C ALA B 26 -9.99 5.36 17.46
N ARG B 27 -9.12 6.11 16.81
CA ARG B 27 -9.54 7.36 16.14
C ARG B 27 -10.46 7.02 14.99
N ALA B 28 -10.30 5.84 14.41
CA ALA B 28 -11.22 5.47 13.34
C ALA B 28 -12.62 5.26 13.90
N ILE B 29 -12.68 4.54 15.02
CA ILE B 29 -13.92 4.25 15.71
C ILE B 29 -14.59 5.55 16.12
N LYS B 30 -13.81 6.45 16.72
CA LYS B 30 -14.39 7.74 17.12
C LYS B 30 -14.94 8.50 15.93
N SER B 31 -14.14 8.61 14.87
CA SER B 31 -14.54 9.29 13.64
C SER B 31 -15.91 8.88 13.12
N LEU B 32 -16.11 7.58 12.91
CA LEU B 32 -17.41 7.06 12.48
C LEU B 32 -18.53 7.46 13.47
N ALA B 33 -18.29 7.25 14.75
CA ALA B 33 -19.27 7.59 15.76
C ALA B 33 -19.60 9.06 15.68
N MSE B 34 -18.57 9.91 15.66
CA MSE B 34 -18.75 11.34 15.47
C MSE B 34 -19.52 11.69 14.17
O MSE B 34 -20.44 12.52 14.19
CB MSE B 34 -17.39 12.05 15.52
CG MSE B 34 -16.72 12.12 16.90
SE MSE B 34 -17.92 12.76 18.30
CE MSE B 34 -18.65 11.06 18.84
N GLY B 35 -19.15 11.04 13.08
CA GLY B 35 -19.85 11.26 11.83
C GLY B 35 -21.32 10.91 11.90
N GLU B 36 -21.65 9.73 12.47
CA GLU B 36 -23.05 9.34 12.60
C GLU B 36 -23.79 10.33 13.50
N LEU B 37 -23.08 10.85 14.50
CA LEU B 37 -23.69 11.79 15.44
C LEU B 37 -23.98 13.11 14.71
N GLU B 38 -23.10 13.48 13.77
CA GLU B 38 -23.31 14.71 12.98
C GLU B 38 -24.55 14.59 12.11
N ALA B 39 -24.71 13.43 11.50
CA ALA B 39 -25.91 13.18 10.69
C ALA B 39 -27.19 13.38 11.53
N ARG B 40 -27.15 12.92 12.79
CA ARG B 40 -28.32 13.12 13.67
C ARG B 40 -28.50 14.60 14.05
N LYS B 41 -27.38 15.27 14.32
CA LYS B 41 -27.44 16.68 14.73
C LYS B 41 -28.00 17.56 13.61
N LEU B 42 -27.50 17.34 12.40
CA LEU B 42 -27.90 18.15 11.24
C LEU B 42 -29.18 17.64 10.57
N LYS B 43 -29.77 16.61 11.15
CA LYS B 43 -31.09 16.13 10.74
C LYS B 43 -31.15 15.60 9.33
N TYR B 44 -30.06 14.97 8.89
CA TYR B 44 -29.98 14.36 7.55
C TYR B 44 -30.72 13.03 7.54
N PRO B 45 -31.35 12.67 6.42
CA PRO B 45 -32.15 11.44 6.31
C PRO B 45 -31.28 10.19 6.29
N SER B 46 -29.97 10.37 6.13
CA SER B 46 -29.03 9.26 6.07
C SER B 46 -27.64 9.67 6.55
N THR B 47 -26.75 8.68 6.66
CA THR B 47 -25.35 8.91 7.05
C THR B 47 -24.47 8.66 5.86
N GLY B 48 -23.86 9.70 5.30
CA GLY B 48 -23.15 9.53 4.04
C GLY B 48 -21.67 9.75 4.13
N THR B 49 -20.99 9.69 2.99
CA THR B 49 -19.55 9.86 2.95
C THR B 49 -19.20 11.20 3.57
N GLU B 50 -20.12 12.17 3.45
CA GLU B 50 -19.86 13.47 4.03
C GLU B 50 -19.79 13.37 5.55
N ALA B 51 -20.62 12.52 6.16
CA ALA B 51 -20.57 12.39 7.61
C ALA B 51 -19.27 11.73 8.00
N ILE B 52 -18.84 10.77 7.19
CA ILE B 52 -17.57 10.10 7.45
C ILE B 52 -16.43 11.11 7.44
N LEU B 53 -16.42 11.96 6.43
CA LEU B 53 -15.40 13.00 6.33
C LEU B 53 -15.49 13.95 7.52
N MSE B 54 -16.71 14.31 7.91
CA MSE B 54 -16.92 15.24 8.99
C MSE B 54 -16.43 14.66 10.32
O MSE B 54 -15.74 15.33 11.08
CB MSE B 54 -18.40 15.62 9.10
CG MSE B 54 -18.71 16.94 8.38
SE MSE B 54 -20.54 17.56 8.58
CE MSE B 54 -21.46 16.29 7.44
N GLY B 55 -16.76 13.40 10.54
CA GLY B 55 -16.29 12.66 11.71
C GLY B 55 -14.79 12.71 11.88
N ILE B 56 -14.07 12.50 10.77
CA ILE B 56 -12.62 12.56 10.82
C ILE B 56 -12.11 13.91 11.34
N LEU B 57 -12.74 14.99 10.89
CA LEU B 57 -12.30 16.34 11.24
C LEU B 57 -12.80 16.73 12.62
N VAL B 58 -13.96 16.19 13.00
CA VAL B 58 -14.50 16.46 14.32
C VAL B 58 -13.56 15.82 15.34
N GLU B 59 -13.15 14.58 15.06
CA GLU B 59 -12.21 13.90 15.93
C GLU B 59 -10.93 14.76 15.97
N GLY B 60 -10.32 14.94 14.81
CA GLY B 60 -9.31 15.97 14.63
C GLY B 60 -7.92 15.78 15.21
N THR B 61 -7.56 14.58 15.65
CA THR B 61 -6.22 14.41 16.22
C THR B 61 -5.32 13.48 15.42
N SER B 62 -5.90 12.83 14.41
CA SER B 62 -5.14 11.91 13.58
C SER B 62 -4.21 12.67 12.67
N THR B 63 -3.23 11.96 12.14
CA THR B 63 -2.30 12.51 11.16
C THR B 63 -3.09 13.04 9.96
N VAL B 64 -4.00 12.23 9.45
CA VAL B 64 -4.79 12.64 8.27
C VAL B 64 -5.64 13.89 8.57
N ALA B 65 -6.19 13.99 9.78
CA ALA B 65 -6.96 15.18 10.15
C ALA B 65 -6.04 16.40 10.16
N LYS B 66 -4.84 16.23 10.71
CA LYS B 66 -3.87 17.31 10.74
C LYS B 66 -3.48 17.64 9.31
N PHE B 67 -3.30 16.58 8.52
CA PHE B 67 -2.97 16.70 7.10
C PHE B 67 -4.04 17.50 6.36
N LEU B 68 -5.31 17.17 6.60
CA LEU B 68 -6.42 17.89 5.98
C LEU B 68 -6.48 19.34 6.46
N ARG B 69 -6.54 19.50 7.78
CA ARG B 69 -6.61 20.82 8.40
C ARG B 69 -5.52 21.75 7.87
N GLY B 70 -4.40 21.17 7.47
CA GLY B 70 -3.31 21.94 6.91
C GLY B 70 -3.47 22.29 5.43
N ASN B 71 -4.19 21.47 4.69
CA ASN B 71 -4.31 21.65 3.24
C ASN B 71 -5.62 22.28 2.78
N GLY B 72 -6.09 23.26 3.56
CA GLY B 72 -7.29 24.02 3.26
C GLY B 72 -8.55 23.18 3.20
N VAL B 73 -8.69 22.28 4.17
CA VAL B 73 -9.90 21.50 4.37
C VAL B 73 -10.22 21.22 5.85
N THR B 74 -11.15 21.99 6.41
CA THR B 74 -11.41 21.93 7.84
C THR B 74 -12.87 21.68 8.13
N LEU B 75 -13.14 21.31 9.37
CA LEU B 75 -14.47 20.94 9.81
C LEU B 75 -15.39 22.10 9.44
N PHE B 76 -15.01 23.32 9.80
CA PHE B 76 -15.84 24.50 9.53
C PHE B 76 -16.13 24.67 8.03
N LYS B 77 -15.12 24.53 7.20
CA LYS B 77 -15.29 24.67 5.76
C LYS B 77 -16.08 23.50 5.17
N VAL B 78 -15.87 22.30 5.72
CA VAL B 78 -16.58 21.11 5.26
C VAL B 78 -18.07 21.21 5.58
N ARG B 79 -18.39 21.70 6.78
CA ARG B 79 -19.78 21.92 7.20
C ARG B 79 -20.53 22.82 6.24
N ASP B 80 -19.84 23.84 5.73
CA ASP B 80 -20.41 24.78 4.76
C ASP B 80 -20.75 24.06 3.48
N GLU B 81 -19.72 23.53 2.84
CA GLU B 81 -19.87 22.87 1.55
C GLU B 81 -20.99 21.83 1.57
N THR B 82 -21.23 21.28 2.75
CA THR B 82 -22.31 20.33 2.93
C THR B 82 -23.68 21.06 2.82
N LEU B 83 -23.78 22.22 3.43
CA LEU B 83 -24.96 23.05 3.25
C LEU B 83 -25.22 23.35 1.75
N SER B 84 -24.16 23.56 0.99
CA SER B 84 -24.27 23.88 -0.44
C SER B 84 -24.99 22.83 -1.30
N LEU B 85 -25.30 21.68 -0.72
CA LEU B 85 -26.03 20.66 -1.46
C LEU B 85 -27.42 20.37 -0.85
N TYR B 92 -33.73 17.33 5.31
CA TYR B 92 -34.80 18.19 5.85
C TYR B 92 -35.57 17.82 7.15
N PHE B 93 -36.86 17.48 7.03
CA PHE B 93 -37.77 17.39 8.19
C PHE B 93 -38.52 16.07 8.34
N PHE B 94 -38.03 15.04 7.67
CA PHE B 94 -38.64 13.72 7.72
C PHE B 94 -37.56 12.68 8.00
N SER B 95 -36.42 13.15 8.51
CA SER B 95 -35.29 12.25 8.79
C SER B 95 -35.58 11.32 9.98
N PRO B 96 -35.17 10.05 9.83
CA PRO B 96 -35.40 9.07 10.90
C PRO B 96 -34.44 9.31 12.08
N GLU B 97 -34.81 8.72 13.22
CA GLU B 97 -34.07 8.83 14.46
C GLU B 97 -32.65 8.29 14.25
N HIS B 98 -32.52 7.19 13.52
CA HIS B 98 -31.21 6.62 13.24
C HIS B 98 -31.01 6.58 11.70
N PRO B 99 -30.32 7.60 11.12
CA PRO B 99 -30.05 7.68 9.68
C PRO B 99 -29.13 6.54 9.24
N PRO B 100 -29.63 5.57 8.47
CA PRO B 100 -28.76 4.46 8.02
C PRO B 100 -27.63 4.93 7.07
N LEU B 101 -26.56 4.14 6.95
CA LEU B 101 -25.45 4.48 6.06
C LEU B 101 -26.00 4.49 4.66
N THR B 102 -25.51 5.42 3.83
CA THR B 102 -25.86 5.43 2.42
C THR B 102 -25.02 4.32 1.82
N GLU B 103 -25.41 3.87 0.63
CA GLU B 103 -24.66 2.86 -0.11
C GLU B 103 -23.21 3.30 -0.40
N PRO B 104 -23.00 4.56 -0.87
CA PRO B 104 -21.59 4.99 -1.02
C PRO B 104 -20.79 4.99 0.28
N ALA B 105 -21.44 5.32 1.41
CA ALA B 105 -20.82 5.26 2.72
C ALA B 105 -20.40 3.82 3.06
N GLN B 106 -21.31 2.87 2.83
CA GLN B 106 -21.01 1.45 3.07
C GLN B 106 -19.83 0.99 2.25
N LYS B 107 -19.81 1.46 1.00
CA LYS B 107 -18.81 1.07 0.03
C LYS B 107 -17.45 1.65 0.43
N ALA B 108 -17.46 2.86 1.00
CA ALA B 108 -16.23 3.49 1.44
C ALA B 108 -15.66 2.72 2.64
N ILE B 109 -16.54 2.17 3.47
CA ILE B 109 -16.07 1.41 4.61
C ILE B 109 -15.52 0.04 4.16
N ALA B 110 -16.27 -0.64 3.28
CA ALA B 110 -15.85 -1.91 2.70
C ALA B 110 -14.52 -1.79 1.97
N TRP B 111 -14.32 -0.64 1.32
CA TRP B 111 -13.06 -0.38 0.62
C TRP B 111 -11.93 -0.26 1.61
N ALA B 112 -12.19 0.45 2.70
CA ALA B 112 -11.19 0.58 3.75
C ALA B 112 -10.82 -0.79 4.34
N ILE B 113 -11.81 -1.67 4.56
CA ILE B 113 -11.51 -3.01 5.03
C ILE B 113 -10.63 -3.75 4.03
N ASP B 114 -11.04 -3.73 2.76
CA ASP B 114 -10.35 -4.47 1.69
C ASP B 114 -8.92 -4.00 1.54
N GLU B 115 -8.74 -2.68 1.53
CA GLU B 115 -7.41 -2.12 1.34
C GLU B 115 -6.46 -2.54 2.48
N LYS B 116 -6.97 -2.65 3.70
CA LYS B 116 -6.16 -3.02 4.84
C LYS B 116 -5.67 -4.45 4.72
N ASN B 117 -6.52 -5.30 4.15
CA ASN B 117 -6.14 -6.68 3.88
C ASN B 117 -5.15 -6.81 2.70
N LYS B 118 -5.50 -6.27 1.54
CA LYS B 118 -4.65 -6.39 0.34
C LYS B 118 -3.36 -5.57 0.43
N SER B 119 -3.16 -4.95 1.59
CA SER B 119 -1.96 -4.18 1.87
C SER B 119 -1.20 -4.82 3.03
N ASP B 120 -1.69 -5.98 3.44
CA ASP B 120 -1.04 -6.88 4.41
C ASP B 120 -0.53 -6.26 5.72
N VAL B 121 0.45 -6.95 6.32
CA VAL B 121 1.12 -6.50 7.54
C VAL B 121 0.11 -6.42 8.71
N ASP B 122 0.63 -6.37 9.92
CA ASP B 122 -0.22 -6.16 11.08
C ASP B 122 -0.35 -4.66 11.15
N GLY B 123 -1.47 -4.18 11.66
CA GLY B 123 -1.64 -2.75 11.81
C GLY B 123 -3.09 -2.40 11.95
N GLU B 124 -3.33 -1.20 12.46
CA GLU B 124 -4.69 -0.78 12.62
C GLU B 124 -5.24 -0.24 11.30
N LEU B 125 -6.55 -0.28 11.21
CA LEU B 125 -7.24 0.27 10.10
C LEU B 125 -7.43 1.71 10.59
N THR B 126 -6.62 2.62 10.05
CA THR B 126 -6.55 3.97 10.58
C THR B 126 -7.58 4.84 9.91
N THR B 127 -7.52 6.12 10.21
CA THR B 127 -8.41 7.08 9.58
C THR B 127 -7.94 7.36 8.13
N ALA B 128 -6.69 7.07 7.83
CA ALA B 128 -6.24 7.29 6.47
C ALA B 128 -6.97 6.31 5.53
N TYR B 129 -7.17 5.07 5.98
CA TYR B 129 -7.94 4.13 5.18
C TYR B 129 -9.36 4.63 5.03
N LEU B 130 -9.87 5.31 6.03
CA LEU B 130 -11.26 5.75 5.99
C LEU B 130 -11.36 6.91 5.00
N LEU B 131 -10.34 7.77 4.99
CA LEU B 131 -10.37 8.92 4.13
C LEU B 131 -10.21 8.44 2.70
N LEU B 132 -9.26 7.53 2.46
CA LEU B 132 -9.10 7.02 1.10
C LEU B 132 -10.33 6.20 0.61
N GLY B 133 -11.11 5.68 1.55
CA GLY B 133 -12.31 4.95 1.18
C GLY B 133 -13.33 5.90 0.59
N VAL B 134 -13.43 7.07 1.20
CA VAL B 134 -14.33 8.09 0.74
C VAL B 134 -13.83 8.61 -0.61
N TRP B 135 -12.52 8.77 -0.74
CA TRP B 135 -11.92 9.27 -1.97
C TRP B 135 -12.13 8.30 -3.12
N SER B 136 -12.23 7.01 -2.79
CA SER B 136 -12.40 5.99 -3.82
C SER B 136 -13.81 5.98 -4.41
N GLN B 137 -14.75 6.65 -3.75
CA GLN B 137 -16.13 6.68 -4.20
C GLN B 137 -16.36 7.97 -4.97
N LYS B 138 -16.16 7.91 -6.28
CA LYS B 138 -16.16 9.09 -7.13
C LYS B 138 -17.55 9.74 -7.25
N ASP B 139 -18.61 8.99 -7.02
CA ASP B 139 -19.96 9.57 -7.00
C ASP B 139 -20.42 10.07 -5.61
N SER B 140 -19.56 9.95 -4.60
CA SER B 140 -19.96 10.25 -3.23
C SER B 140 -19.89 11.74 -2.94
N ALA B 141 -20.68 12.20 -1.97
CA ALA B 141 -20.66 13.60 -1.62
C ALA B 141 -19.34 13.99 -0.97
N GLY B 142 -18.75 13.05 -0.21
CA GLY B 142 -17.47 13.27 0.40
C GLY B 142 -16.38 13.48 -0.66
N ARG B 143 -16.39 12.63 -1.69
CA ARG B 143 -15.43 12.81 -2.80
C ARG B 143 -15.48 14.24 -3.37
N GLN B 144 -16.68 14.70 -3.69
CA GLN B 144 -16.89 16.03 -4.29
C GLN B 144 -16.40 17.16 -3.36
N ILE B 145 -17.01 17.26 -2.18
CA ILE B 145 -16.58 18.20 -1.15
C ILE B 145 -15.03 18.30 -1.00
N LEU B 146 -14.34 17.16 -1.02
CA LEU B 146 -12.88 17.14 -0.92
C LEU B 146 -12.25 17.95 -2.06
N GLU B 147 -12.70 17.69 -3.29
CA GLU B 147 -12.17 18.40 -4.44
C GLU B 147 -12.41 19.93 -4.33
N LYS B 148 -13.59 20.31 -3.86
CA LYS B 148 -13.99 21.71 -3.74
C LYS B 148 -13.08 22.52 -2.80
N LEU B 149 -12.45 21.81 -1.86
CA LEU B 149 -11.63 22.47 -0.84
C LEU B 149 -10.15 22.41 -1.22
N GLY B 150 -9.85 21.71 -2.31
CA GLY B 150 -8.52 21.72 -2.86
C GLY B 150 -7.82 20.38 -2.76
N PHE B 151 -8.59 19.33 -2.44
CA PHE B 151 -7.99 18.01 -2.32
C PHE B 151 -7.95 17.42 -3.70
N ASN B 152 -6.81 16.82 -4.03
CA ASN B 152 -6.59 16.31 -5.36
C ASN B 152 -5.84 14.98 -5.32
N GLU B 153 -5.61 14.43 -6.51
CA GLU B 153 -4.99 13.13 -6.65
C GLU B 153 -3.58 13.06 -6.08
N ASP B 154 -2.88 14.20 -6.08
CA ASP B 154 -1.51 14.26 -5.58
C ASP B 154 -1.54 14.05 -4.05
N LYS B 155 -2.53 14.68 -3.39
CA LYS B 155 -2.65 14.59 -1.95
C LYS B 155 -3.19 13.23 -1.52
N ALA B 156 -3.90 12.57 -2.40
CA ALA B 156 -4.46 11.28 -2.04
C ALA B 156 -3.37 10.23 -2.09
N LYS B 157 -2.40 10.40 -2.97
CA LYS B 157 -1.33 9.41 -2.98
C LYS B 157 -0.33 9.73 -1.85
N GLU B 158 -0.33 10.99 -1.40
CA GLU B 158 0.51 11.46 -0.29
C GLU B 158 -0.03 10.88 1.02
N VAL B 159 -1.34 10.82 1.15
CA VAL B 159 -1.95 10.20 2.33
C VAL B 159 -1.69 8.70 2.28
N GLU B 160 -1.77 8.10 1.09
CA GLU B 160 -1.54 6.67 0.95
C GLU B 160 -0.06 6.36 1.22
N LYS B 161 0.79 7.36 1.06
CA LYS B 161 2.22 7.21 1.31
C LYS B 161 2.50 7.35 2.81
N SER B 162 1.78 8.23 3.49
CA SER B 162 1.99 8.43 4.91
C SER B 162 1.51 7.22 5.74
N MSE B 163 0.59 6.43 5.17
CA MSE B 163 0.07 5.25 5.87
C MSE B 163 0.90 3.96 5.62
O MSE B 163 0.38 2.86 5.79
CB MSE B 163 -1.44 5.04 5.57
CG MSE B 163 -1.79 4.28 4.28
SE MSE B 163 -3.73 4.31 3.87
CE MSE B 163 -3.87 2.85 2.59
N ASN B 164 2.16 4.12 5.25
CA ASN B 164 3.04 2.97 4.93
C ASN B 164 4.23 2.78 5.86
N GLU B 165 4.40 3.69 6.81
CA GLU B 165 5.50 3.65 7.77
C GLU B 165 5.08 4.21 9.14
CL CL C . 19.38 -5.91 4.58
CL CL D . -5.71 6.79 13.12
#